data_7NKE
#
_entry.id   7NKE
#
_cell.length_a   62.706
_cell.length_b   67.303
_cell.length_c   108.832
_cell.angle_alpha   90.00
_cell.angle_beta   90.00
_cell.angle_gamma   90.00
#
_symmetry.space_group_name_H-M   'P 21 21 21'
#
loop_
_entity.id
_entity.type
_entity.pdbx_description
1 polymer 'Retinoic acid receptor RXR-alpha'
2 polymer 'Nuclear receptor coactivator 2'
3 non-polymer 2,4-di~{tert}-butylphenol
4 non-polymer 'FORMIC ACID'
5 water water
#
loop_
_entity_poly.entity_id
_entity_poly.type
_entity_poly.pdbx_seq_one_letter_code
_entity_poly.pdbx_strand_id
1 'polypeptide(L)'
;GSHMTSSANEDMPVERILEAELAVEPKTETYVEANMGLNPSSPNDPVTNICQAADKQLFTLVEWAKRIPHFSELPLDDQV
ILLRAGWNELLIASFSHRSIAVKDGILLATGLHVHRNSAHSAGVGAIFDRVLTELVSKMRDMQMDKTELGCLRAIVLFNP
DSKGLSNPAEVEALREKVYASLEAYCKHKYPEQPGRFAKLLLRLPALRSIGLKCLEHLFFFKLIGDTPIDTFLMEMLEAP
HQMT
;
A,C
2 'polypeptide(L)' KHKILHRLLQDSS B,D
#
loop_
_chem_comp.id
_chem_comp.type
_chem_comp.name
_chem_comp.formula
FMT non-polymer 'FORMIC ACID' 'C H2 O2'
UGW non-polymer 2,4-di~{tert}-butylphenol 'C14 H22 O'
#
# COMPACT_ATOMS: atom_id res chain seq x y z
N GLU A 10 18.27 12.34 -16.99
CA GLU A 10 17.91 13.22 -18.14
C GLU A 10 16.42 13.08 -18.52
N ASP A 11 15.89 11.86 -18.48
CA ASP A 11 14.46 11.60 -18.78
C ASP A 11 13.54 12.07 -17.66
N MET A 12 13.91 11.77 -16.40
CA MET A 12 13.13 12.13 -15.21
C MET A 12 14.09 12.66 -14.13
N PRO A 13 14.45 13.94 -14.22
CA PRO A 13 15.52 14.43 -13.33
C PRO A 13 14.95 14.81 -11.96
N VAL A 14 15.56 14.28 -10.90
CA VAL A 14 15.18 14.66 -9.55
C VAL A 14 15.22 16.19 -9.29
N GLU A 15 16.06 16.94 -10.00
CA GLU A 15 16.09 18.39 -9.78
C GLU A 15 14.75 19.03 -10.14
N ARG A 16 14.11 18.47 -11.16
CA ARG A 16 12.84 19.00 -11.63
C ARG A 16 11.72 18.65 -10.65
N ILE A 17 11.80 17.46 -10.04
CA ILE A 17 10.79 16.99 -9.11
C ILE A 17 10.85 17.79 -7.85
N LEU A 18 12.07 18.03 -7.38
CA LEU A 18 12.29 18.91 -6.24
C LEU A 18 11.81 20.34 -6.48
N GLU A 19 11.98 20.88 -7.70
CA GLU A 19 11.47 22.24 -7.98
C GLU A 19 9.96 22.30 -7.96
N ALA A 20 9.30 21.22 -8.34
CA ALA A 20 7.84 21.13 -8.19
C ALA A 20 7.44 21.27 -6.73
N GLU A 21 8.14 20.53 -5.85
CA GLU A 21 7.88 20.58 -4.42
C GLU A 21 8.09 22.01 -3.92
N LEU A 22 9.24 22.61 -4.25
CA LEU A 22 9.56 23.96 -3.76
C LEU A 22 8.65 25.00 -4.33
N ALA A 23 8.14 24.78 -5.53
CA ALA A 23 7.24 25.73 -6.20
C ALA A 23 5.88 25.91 -5.48
N VAL A 24 5.45 24.87 -4.80
CA VAL A 24 4.15 24.86 -4.10
C VAL A 24 4.24 24.88 -2.57
N GLU A 25 5.46 25.04 -2.02
CA GLU A 25 5.72 25.26 -0.57
C GLU A 25 4.87 26.45 -0.08
N PRO A 26 4.16 26.32 1.08
CA PRO A 26 3.29 27.45 1.58
C PRO A 26 4.02 28.76 1.90
N ASN A 44 -12.87 25.86 13.24
CA ASN A 44 -12.64 25.61 14.66
C ASN A 44 -12.61 24.09 15.03
N ASP A 45 -13.52 23.31 14.41
CA ASP A 45 -13.46 21.83 14.36
C ASP A 45 -12.16 21.45 13.59
N PRO A 46 -11.38 20.50 14.12
CA PRO A 46 -10.20 20.01 13.44
C PRO A 46 -10.51 19.34 12.09
N VAL A 47 -11.58 18.54 12.04
CA VAL A 47 -12.00 17.97 10.77
C VAL A 47 -12.27 19.10 9.75
N THR A 48 -13.00 20.11 10.19
CA THR A 48 -13.28 21.24 9.33
C THR A 48 -11.97 21.91 8.80
N ASN A 49 -10.95 22.07 9.64
CA ASN A 49 -9.70 22.71 9.23
C ASN A 49 -8.93 21.85 8.25
N ILE A 50 -8.95 20.56 8.51
CA ILE A 50 -8.25 19.63 7.65
C ILE A 50 -8.94 19.66 6.27
N CYS A 51 -10.26 19.58 6.25
CA CYS A 51 -11.04 19.74 5.01
C CYS A 51 -10.79 21.05 4.25
N GLN A 52 -10.86 22.18 4.94
CA GLN A 52 -10.57 23.44 4.27
C GLN A 52 -9.18 23.45 3.63
N ALA A 53 -8.16 23.01 4.38
CA ALA A 53 -6.79 22.96 3.92
C ALA A 53 -6.65 22.08 2.71
N ALA A 54 -7.37 20.97 2.71
CA ALA A 54 -7.31 19.99 1.66
C ALA A 54 -7.94 20.50 0.38
N ASP A 55 -9.07 21.19 0.49
CA ASP A 55 -9.69 21.82 -0.69
C ASP A 55 -8.67 22.82 -1.29
N LYS A 56 -8.12 23.70 -0.45
CA LYS A 56 -7.05 24.64 -0.87
C LYS A 56 -5.88 23.97 -1.52
N GLN A 57 -5.40 22.92 -0.87
CA GLN A 57 -4.24 22.21 -1.38
C GLN A 57 -4.50 21.49 -2.69
N LEU A 58 -5.75 21.11 -2.96
CA LEU A 58 -6.07 20.48 -4.24
C LEU A 58 -5.75 21.35 -5.46
N PHE A 59 -5.88 22.68 -5.34
CA PHE A 59 -5.54 23.61 -6.39
C PHE A 59 -4.04 23.58 -6.58
N THR A 60 -3.30 23.69 -5.48
CA THR A 60 -1.84 23.59 -5.55
C THR A 60 -1.38 22.21 -6.06
N LEU A 61 -2.10 21.13 -5.70
CA LEU A 61 -1.79 19.81 -6.22
C LEU A 61 -1.76 19.72 -7.75
N VAL A 62 -2.74 20.37 -8.39
CA VAL A 62 -2.84 20.43 -9.86
C VAL A 62 -1.58 21.12 -10.46
N GLU A 63 -1.19 22.22 -9.85
CA GLU A 63 0.01 22.97 -10.25
C GLU A 63 1.32 22.20 -10.05
N TRP A 64 1.43 21.49 -8.93
CA TRP A 64 2.55 20.60 -8.67
C TRP A 64 2.61 19.50 -9.75
N ALA A 65 1.48 18.88 -10.03
CA ALA A 65 1.42 17.83 -11.04
C ALA A 65 1.94 18.29 -12.38
N LYS A 66 1.56 19.51 -12.77
CA LYS A 66 1.99 20.07 -14.05
C LYS A 66 3.51 20.26 -14.10
N ARG A 67 4.15 20.48 -12.96
CA ARG A 67 5.60 20.64 -12.91
C ARG A 67 6.35 19.34 -12.84
N ILE A 68 5.63 18.20 -12.74
CA ILE A 68 6.25 16.89 -12.76
C ILE A 68 6.53 16.50 -14.20
N PRO A 69 7.80 16.26 -14.55
CA PRO A 69 8.10 15.91 -15.95
C PRO A 69 7.16 14.88 -16.58
N HIS A 70 6.72 15.21 -17.80
CA HIS A 70 5.91 14.37 -18.67
C HIS A 70 4.46 14.20 -18.28
N PHE A 71 4.05 14.68 -17.10
CA PHE A 71 2.67 14.49 -16.65
C PHE A 71 1.72 15.22 -17.64
N SER A 72 2.03 16.48 -17.95
CA SER A 72 1.26 17.29 -18.92
C SER A 72 1.33 16.80 -20.38
N GLU A 73 2.30 15.97 -20.71
CA GLU A 73 2.27 15.28 -22.02
C GLU A 73 1.20 14.20 -22.09
N LEU A 74 0.62 13.80 -20.95
CA LEU A 74 -0.35 12.72 -20.95
C LEU A 74 -1.63 13.30 -21.43
N PRO A 75 -2.49 12.45 -22.04
CA PRO A 75 -3.83 12.88 -22.44
C PRO A 75 -4.58 13.49 -21.29
N LEU A 76 -5.41 14.47 -21.58
CA LEU A 76 -6.11 15.19 -20.50
C LEU A 76 -6.91 14.29 -19.54
N ASP A 77 -7.52 13.23 -20.08
CA ASP A 77 -8.36 12.35 -19.26
C ASP A 77 -7.54 11.44 -18.33
N ASP A 78 -6.40 10.98 -18.80
CA ASP A 78 -5.40 10.30 -17.97
C ASP A 78 -4.83 11.16 -16.85
N GLN A 79 -4.62 12.44 -17.12
CA GLN A 79 -4.24 13.37 -16.08
C GLN A 79 -5.29 13.51 -15.01
N VAL A 80 -6.55 13.54 -15.45
CA VAL A 80 -7.67 13.59 -14.57
C VAL A 80 -7.73 12.29 -13.77
N ILE A 81 -7.65 11.13 -14.43
CA ILE A 81 -7.68 9.83 -13.75
C ILE A 81 -6.59 9.75 -12.63
N LEU A 82 -5.33 10.07 -12.96
CA LEU A 82 -4.21 10.02 -12.01
C LEU A 82 -4.38 10.93 -10.81
N LEU A 83 -4.92 12.11 -11.04
CA LEU A 83 -5.13 13.02 -9.93
C LEU A 83 -6.29 12.61 -9.04
N ARG A 84 -7.37 12.13 -9.64
CA ARG A 84 -8.49 11.60 -8.86
C ARG A 84 -8.10 10.32 -8.10
N ALA A 85 -7.25 9.47 -8.69
CA ALA A 85 -6.78 8.27 -8.00
C ALA A 85 -5.83 8.57 -6.81
N GLY A 86 -5.07 9.65 -6.89
CA GLY A 86 -3.88 9.86 -6.07
C GLY A 86 -3.95 11.03 -5.10
N TRP A 87 -4.93 11.91 -5.31
CA TRP A 87 -4.99 13.11 -4.54
C TRP A 87 -4.90 12.91 -3.03
N ASN A 88 -5.67 11.95 -2.49
CA ASN A 88 -5.76 11.70 -1.05
C ASN A 88 -4.35 11.35 -0.50
N GLU A 89 -3.68 10.44 -1.18
CA GLU A 89 -2.35 10.07 -0.79
C GLU A 89 -1.37 11.21 -0.98
N LEU A 90 -1.53 11.95 -2.08
CA LEU A 90 -0.57 12.98 -2.41
C LEU A 90 -0.54 14.09 -1.38
N LEU A 91 -1.72 14.47 -0.91
CA LEU A 91 -1.78 15.46 0.12
C LEU A 91 -1.40 14.92 1.46
N ILE A 92 -1.73 13.66 1.75
CA ILE A 92 -1.36 13.08 3.05
C ILE A 92 0.18 13.02 3.18
N ALA A 93 0.83 12.59 2.10
CA ALA A 93 2.30 12.55 2.02
C ALA A 93 2.85 13.94 2.30
N SER A 94 2.25 14.94 1.67
CA SER A 94 2.62 16.31 1.81
C SER A 94 2.41 16.89 3.22
N PHE A 95 1.21 16.74 3.79
CA PHE A 95 0.97 17.18 5.20
C PHE A 95 1.90 16.47 6.14
N SER A 96 2.13 15.18 5.90
CA SER A 96 3.03 14.37 6.76
C SER A 96 4.45 14.93 6.79
N HIS A 97 5.02 15.13 5.60
CA HIS A 97 6.42 15.53 5.54
C HIS A 97 6.64 16.94 6.09
N ARG A 98 5.71 17.85 5.80
CA ARG A 98 5.71 19.19 6.34
C ARG A 98 5.61 19.21 7.85
N SER A 99 5.18 18.09 8.46
CA SER A 99 4.98 18.03 9.87
C SER A 99 6.09 17.32 10.61
N ILE A 100 7.25 17.09 9.97
CA ILE A 100 8.35 16.39 10.67
C ILE A 100 8.95 17.16 11.87
N ALA A 101 8.83 18.47 11.91
CA ALA A 101 9.35 19.27 13.04
C ALA A 101 8.26 19.59 14.05
N VAL A 102 7.05 19.06 13.86
CA VAL A 102 5.94 19.27 14.77
C VAL A 102 5.95 18.09 15.72
N LYS A 103 5.75 18.40 17.01
CA LYS A 103 5.87 17.42 18.07
C LYS A 103 4.74 16.38 18.04
N ASP A 104 3.48 16.73 18.20
CA ASP A 104 2.48 15.61 18.14
C ASP A 104 1.24 16.08 17.38
N GLY A 105 1.44 16.41 16.13
CA GLY A 105 0.42 16.96 15.31
C GLY A 105 0.89 17.19 13.90
N ILE A 106 0.15 18.01 13.21
CA ILE A 106 0.27 18.17 11.81
C ILE A 106 0.25 19.64 11.52
N LEU A 107 1.12 20.08 10.62
CA LEU A 107 1.08 21.41 10.09
C LEU A 107 0.26 21.42 8.77
N LEU A 108 -0.83 22.18 8.72
CA LEU A 108 -1.65 22.28 7.53
C LEU A 108 -1.15 23.41 6.61
N ALA A 109 -1.49 23.29 5.33
CA ALA A 109 -1.08 24.27 4.29
C ALA A 109 -1.41 25.73 4.61
N THR A 110 -2.54 25.89 5.29
CA THR A 110 -3.00 27.16 5.85
C THR A 110 -1.95 27.82 6.81
N GLY A 111 -1.07 27.04 7.46
CA GLY A 111 -0.25 27.48 8.61
C GLY A 111 -0.87 27.11 9.98
N LEU A 112 -2.08 26.56 9.97
CA LEU A 112 -2.72 26.05 11.17
C LEU A 112 -2.03 24.69 11.54
N HIS A 113 -1.88 24.44 12.83
CA HIS A 113 -1.46 23.13 13.30
C HIS A 113 -2.70 22.42 13.83
N VAL A 114 -2.76 21.10 13.66
CA VAL A 114 -3.74 20.29 14.37
C VAL A 114 -2.95 19.36 15.30
N HIS A 115 -3.20 19.44 16.60
CA HIS A 115 -2.56 18.59 17.58
C HIS A 115 -3.35 17.32 17.77
N ARG A 116 -2.69 16.22 18.09
CA ARG A 116 -3.42 14.93 18.26
C ARG A 116 -4.54 14.94 19.31
N ASN A 117 -4.33 15.70 20.37
CA ASN A 117 -5.40 15.90 21.37
C ASN A 117 -6.67 16.45 20.77
N SER A 118 -6.53 17.48 19.91
CA SER A 118 -7.67 18.03 19.14
C SER A 118 -8.30 16.96 18.25
N ALA A 119 -7.46 16.20 17.53
CA ALA A 119 -7.98 15.14 16.67
C ALA A 119 -8.76 14.16 17.52
N HIS A 120 -8.16 13.72 18.62
CA HIS A 120 -8.86 12.78 19.53
C HIS A 120 -10.17 13.39 19.99
N SER A 121 -10.12 14.62 20.44
CA SER A 121 -11.32 15.29 20.94
C SER A 121 -12.38 15.48 19.85
N ALA A 122 -12.02 15.25 18.58
CA ALA A 122 -12.93 15.43 17.47
C ALA A 122 -13.48 14.14 16.90
N GLY A 123 -13.02 12.99 17.41
CA GLY A 123 -13.51 11.69 17.03
C GLY A 123 -12.70 11.01 15.93
N VAL A 124 -11.52 11.54 15.66
CA VAL A 124 -10.64 11.04 14.63
C VAL A 124 -9.26 10.77 15.20
N GLY A 125 -9.21 10.39 16.48
CA GLY A 125 -7.96 10.04 17.18
C GLY A 125 -7.06 8.98 16.54
N ALA A 126 -7.65 7.86 16.24
CA ALA A 126 -6.91 6.67 15.78
C ALA A 126 -6.29 6.86 14.42
N ILE A 127 -7.10 7.31 13.48
CA ILE A 127 -6.57 7.61 12.16
C ILE A 127 -5.48 8.70 12.18
N PHE A 128 -5.73 9.73 12.96
CA PHE A 128 -4.73 10.77 13.11
C PHE A 128 -3.43 10.20 13.66
N ASP A 129 -3.53 9.34 14.69
CA ASP A 129 -2.35 8.73 15.26
C ASP A 129 -1.62 7.88 14.23
N ARG A 130 -2.37 7.16 13.39
CA ARG A 130 -1.78 6.34 12.35
C ARG A 130 -0.94 7.25 11.48
N VAL A 131 -1.41 8.47 11.16
CA VAL A 131 -0.61 9.39 10.33
C VAL A 131 0.71 9.79 11.03
N LEU A 132 0.61 10.07 12.33
CA LEU A 132 1.77 10.43 13.11
C LEU A 132 2.80 9.29 13.21
N THR A 133 2.33 8.09 13.41
CA THR A 133 3.18 6.97 13.73
C THR A 133 3.78 6.38 12.45
N GLU A 134 2.97 6.20 11.43
CA GLU A 134 3.36 5.43 10.27
C GLU A 134 3.98 6.29 9.18
N LEU A 135 3.66 7.59 9.20
CA LEU A 135 4.16 8.54 8.22
C LEU A 135 5.09 9.56 8.84
N VAL A 136 4.55 10.43 9.70
CA VAL A 136 5.33 11.62 10.17
C VAL A 136 6.60 11.18 10.85
N SER A 137 6.43 10.32 11.84
CA SER A 137 7.55 9.79 12.65
C SER A 137 8.60 9.09 11.86
N LYS A 138 8.14 8.30 10.88
CA LYS A 138 9.02 7.53 10.04
C LYS A 138 9.77 8.42 9.09
N MET A 139 9.07 9.40 8.54
CA MET A 139 9.73 10.46 7.83
C MET A 139 10.79 11.18 8.69
N ARG A 140 10.45 11.52 9.93
CA ARG A 140 11.37 12.27 10.81
C ARG A 140 12.61 11.43 11.12
N ASP A 141 12.40 10.15 11.52
CA ASP A 141 13.50 9.28 11.95
C ASP A 141 14.53 9.03 10.87
N MET A 142 14.09 8.88 9.62
CA MET A 142 15.01 8.62 8.51
C MET A 142 15.47 9.94 7.83
N GLN A 143 14.97 11.07 8.33
CA GLN A 143 15.28 12.38 7.76
CA GLN A 143 15.17 12.42 7.77
C GLN A 143 15.02 12.41 6.25
N MET A 144 13.82 11.97 5.83
CA MET A 144 13.39 11.96 4.42
C MET A 144 13.47 13.37 3.92
N ASP A 145 14.10 13.58 2.76
CA ASP A 145 14.32 14.98 2.33
C ASP A 145 13.26 15.33 1.31
N LYS A 146 13.20 16.60 0.91
CA LYS A 146 12.17 17.04 -0.06
C LYS A 146 12.33 16.44 -1.45
N THR A 147 13.54 16.05 -1.83
CA THR A 147 13.69 15.35 -3.11
C THR A 147 13.03 13.96 -3.09
N GLU A 148 13.27 13.23 -1.98
CA GLU A 148 12.74 11.88 -1.73
C GLU A 148 11.24 11.91 -1.64
N LEU A 149 10.71 12.94 -0.97
CA LEU A 149 9.29 13.13 -0.88
C LEU A 149 8.66 13.33 -2.24
N GLY A 150 9.25 14.27 -3.00
CA GLY A 150 8.84 14.60 -4.36
C GLY A 150 8.83 13.37 -5.22
N CYS A 151 9.89 12.57 -5.15
CA CYS A 151 9.95 11.33 -5.94
C CYS A 151 8.86 10.36 -5.50
N LEU A 152 8.67 10.17 -4.20
CA LEU A 152 7.60 9.34 -3.72
C LEU A 152 6.25 9.85 -4.17
N ARG A 153 6.04 11.17 -4.11
CA ARG A 153 4.75 11.71 -4.56
C ARG A 153 4.55 11.51 -6.05
N ALA A 154 5.61 11.64 -6.83
CA ALA A 154 5.52 11.40 -8.25
C ALA A 154 5.26 9.90 -8.62
N ILE A 155 5.81 8.98 -7.82
CA ILE A 155 5.47 7.57 -7.96
C ILE A 155 3.97 7.35 -7.69
N VAL A 156 3.45 8.03 -6.66
CA VAL A 156 2.06 7.93 -6.34
C VAL A 156 1.23 8.49 -7.50
N LEU A 157 1.66 9.63 -8.04
CA LEU A 157 0.98 10.25 -9.11
C LEU A 157 0.89 9.34 -10.33
N PHE A 158 2.03 8.82 -10.76
CA PHE A 158 2.08 7.88 -11.85
C PHE A 158 1.74 6.50 -11.36
N ASN A 159 0.44 6.32 -11.12
CA ASN A 159 -0.10 5.06 -10.67
C ASN A 159 -0.69 4.36 -11.89
N PRO A 160 0.00 3.33 -12.38
CA PRO A 160 -0.48 2.62 -13.57
C PRO A 160 -1.70 1.71 -13.36
N ASP A 161 -2.11 1.49 -12.11
CA ASP A 161 -3.31 0.71 -11.76
C ASP A 161 -4.60 1.52 -11.78
N SER A 162 -4.51 2.87 -11.85
CA SER A 162 -5.71 3.71 -11.87
C SER A 162 -6.64 3.29 -13.02
N LYS A 163 -7.93 3.12 -12.71
CA LYS A 163 -8.86 2.57 -13.70
C LYS A 163 -9.15 3.60 -14.79
N GLY A 164 -9.07 3.13 -16.04
CA GLY A 164 -9.57 3.84 -17.22
C GLY A 164 -8.48 4.55 -18.00
N LEU A 165 -7.23 4.42 -17.54
CA LEU A 165 -6.08 4.99 -18.23
C LEU A 165 -6.07 4.55 -19.69
N SER A 166 -5.96 5.51 -20.60
CA SER A 166 -5.75 5.20 -22.02
C SER A 166 -4.50 4.30 -22.21
N ASN A 167 -3.40 4.63 -21.53
CA ASN A 167 -2.14 3.87 -21.71
C ASN A 167 -1.41 3.49 -20.40
N PRO A 168 -1.83 2.41 -19.73
CA PRO A 168 -1.23 2.02 -18.41
C PRO A 168 0.28 1.85 -18.46
N ALA A 169 0.76 1.04 -19.39
CA ALA A 169 2.20 0.89 -19.64
C ALA A 169 3.02 2.21 -19.75
N GLU A 170 2.47 3.28 -20.34
CA GLU A 170 3.23 4.53 -20.39
CA GLU A 170 3.16 4.58 -20.40
C GLU A 170 3.33 5.16 -18.99
N VAL A 171 2.27 5.03 -18.18
CA VAL A 171 2.29 5.54 -16.80
C VAL A 171 3.23 4.68 -15.93
N GLU A 172 3.27 3.36 -16.18
CA GLU A 172 4.20 2.50 -15.45
C GLU A 172 5.64 2.84 -15.81
N ALA A 173 5.87 3.18 -17.09
CA ALA A 173 7.24 3.50 -17.57
C ALA A 173 7.70 4.81 -16.93
N LEU A 174 6.83 5.81 -16.86
CA LEU A 174 7.19 7.05 -16.14
C LEU A 174 7.50 6.82 -14.66
N ARG A 175 6.69 6.04 -14.01
CA ARG A 175 6.95 5.65 -12.62
C ARG A 175 8.32 4.99 -12.46
N GLU A 176 8.67 4.14 -13.42
CA GLU A 176 9.98 3.49 -13.41
C GLU A 176 11.13 4.46 -13.52
N LYS A 177 10.92 5.50 -14.34
CA LYS A 177 11.90 6.55 -14.48
C LYS A 177 12.03 7.36 -13.21
N VAL A 178 10.90 7.68 -12.57
CA VAL A 178 10.97 8.35 -11.28
C VAL A 178 11.81 7.53 -10.27
N TYR A 179 11.53 6.22 -10.15
CA TYR A 179 12.17 5.45 -9.11
C TYR A 179 13.62 5.10 -9.40
N ALA A 180 13.96 4.89 -10.67
CA ALA A 180 15.36 4.81 -11.10
C ALA A 180 16.13 6.07 -10.68
N SER A 181 15.56 7.24 -10.96
CA SER A 181 16.20 8.52 -10.58
C SER A 181 16.23 8.69 -9.07
N LEU A 182 15.22 8.21 -8.36
CA LEU A 182 15.24 8.27 -6.91
C LEU A 182 16.35 7.40 -6.33
N GLU A 183 16.43 6.17 -6.78
CA GLU A 183 17.50 5.26 -6.31
C GLU A 183 18.91 5.84 -6.53
N ALA A 184 19.18 6.31 -7.75
CA ALA A 184 20.49 6.96 -8.07
C ALA A 184 20.78 8.16 -7.15
N TYR A 185 19.78 9.00 -6.91
CA TYR A 185 19.91 10.12 -5.96
C TYR A 185 20.27 9.65 -4.54
N CYS A 186 19.52 8.68 -3.99
CA CYS A 186 19.78 8.17 -2.62
C CYS A 186 21.17 7.54 -2.51
N LYS A 187 21.54 6.75 -3.51
CA LYS A 187 22.88 6.15 -3.53
C LYS A 187 24.02 7.14 -3.61
N HIS A 188 23.83 8.23 -4.32
CA HIS A 188 24.80 9.27 -4.38
C HIS A 188 24.80 10.11 -3.11
N LYS A 189 23.60 10.51 -2.62
CA LYS A 189 23.56 11.44 -1.49
C LYS A 189 23.72 10.73 -0.18
N TYR A 190 23.27 9.48 -0.08
CA TYR A 190 23.34 8.71 1.19
C TYR A 190 24.05 7.41 0.94
N PRO A 191 25.36 7.47 0.56
CA PRO A 191 25.96 6.20 0.11
C PRO A 191 26.15 5.20 1.25
N GLU A 192 26.08 5.69 2.49
CA GLU A 192 26.18 4.85 3.69
C GLU A 192 24.91 4.04 3.97
N GLN A 193 23.81 4.32 3.26
CA GLN A 193 22.52 3.73 3.59
C GLN A 193 22.02 2.94 2.38
N PRO A 194 22.63 1.79 2.11
CA PRO A 194 22.24 0.99 0.95
C PRO A 194 20.74 0.72 0.91
N GLY A 195 20.15 0.53 2.09
CA GLY A 195 18.77 0.33 2.24
C GLY A 195 17.83 1.50 2.08
N ARG A 196 18.32 2.72 1.88
CA ARG A 196 17.41 3.87 1.94
C ARG A 196 16.27 3.84 0.89
N PHE A 197 16.62 3.51 -0.34
CA PHE A 197 15.68 3.56 -1.43
C PHE A 197 14.44 2.65 -1.18
N ALA A 198 14.70 1.39 -0.80
CA ALA A 198 13.66 0.42 -0.50
C ALA A 198 12.89 0.87 0.74
N LYS A 199 13.61 1.43 1.70
CA LYS A 199 12.94 1.96 2.87
C LYS A 199 11.93 3.06 2.48
N LEU A 200 12.32 3.97 1.61
CA LEU A 200 11.38 4.98 1.16
C LEU A 200 10.16 4.36 0.51
N LEU A 201 10.38 3.42 -0.38
CA LEU A 201 9.29 2.82 -1.13
C LEU A 201 8.36 2.02 -0.22
N LEU A 202 8.91 1.45 0.84
CA LEU A 202 8.15 0.73 1.81
C LEU A 202 7.32 1.60 2.78
N ARG A 203 7.32 2.92 2.62
CA ARG A 203 6.29 3.73 3.26
C ARG A 203 5.04 3.83 2.39
N LEU A 204 5.07 3.37 1.15
CA LEU A 204 3.92 3.53 0.29
C LEU A 204 2.71 2.65 0.63
N PRO A 205 2.92 1.44 1.19
CA PRO A 205 1.77 0.65 1.67
C PRO A 205 1.07 1.30 2.85
N ALA A 206 1.82 1.79 3.80
CA ALA A 206 1.23 2.59 4.85
C ALA A 206 0.43 3.74 4.28
N LEU A 207 1.02 4.42 3.28
CA LEU A 207 0.33 5.59 2.67
C LEU A 207 -0.99 5.21 2.02
N ARG A 208 -1.01 4.08 1.36
CA ARG A 208 -2.17 3.63 0.64
C ARG A 208 -3.30 3.35 1.65
N SER A 209 -2.94 2.64 2.69
CA SER A 209 -3.87 2.22 3.74
C SER A 209 -4.46 3.41 4.48
N ILE A 210 -3.59 4.31 4.96
CA ILE A 210 -3.99 5.53 5.66
C ILE A 210 -4.88 6.38 4.77
N GLY A 211 -4.44 6.54 3.51
CA GLY A 211 -5.20 7.25 2.47
C GLY A 211 -6.61 6.72 2.30
N LEU A 212 -6.73 5.41 2.09
CA LEU A 212 -8.05 4.76 2.04
C LEU A 212 -8.85 5.03 3.26
N LYS A 213 -8.25 4.88 4.44
CA LYS A 213 -9.03 5.08 5.67
C LYS A 213 -9.44 6.56 5.85
N CYS A 214 -8.58 7.49 5.47
CA CYS A 214 -8.97 8.92 5.50
C CYS A 214 -10.10 9.17 4.50
N LEU A 215 -10.09 8.53 3.36
CA LEU A 215 -11.23 8.63 2.46
C LEU A 215 -12.52 8.20 3.10
N GLU A 216 -12.51 7.06 3.78
CA GLU A 216 -13.72 6.56 4.42
C GLU A 216 -14.25 7.57 5.38
N HIS A 217 -13.39 8.12 6.21
CA HIS A 217 -13.81 9.21 7.10
C HIS A 217 -14.50 10.32 6.37
N LEU A 218 -13.90 10.81 5.28
CA LEU A 218 -14.47 11.92 4.52
C LEU A 218 -15.84 11.58 3.95
N PHE A 219 -16.02 10.37 3.45
CA PHE A 219 -17.29 9.99 2.89
C PHE A 219 -18.35 10.00 3.95
N PHE A 220 -17.97 9.58 5.16
CA PHE A 220 -18.84 9.74 6.31
C PHE A 220 -19.13 11.18 6.65
N PHE A 221 -18.14 12.07 6.59
CA PHE A 221 -18.44 13.47 6.96
C PHE A 221 -19.43 14.07 5.95
N LYS A 222 -19.24 13.74 4.66
CA LYS A 222 -20.14 14.20 3.59
C LYS A 222 -21.56 13.64 3.74
N LEU A 223 -21.69 12.31 3.78
CA LEU A 223 -22.94 11.59 4.12
C LEU A 223 -23.76 12.25 5.24
N ILE A 224 -23.19 12.36 6.43
CA ILE A 224 -23.93 12.87 7.62
C ILE A 224 -24.06 14.41 7.58
N GLY A 225 -23.22 15.07 6.80
CA GLY A 225 -23.39 16.48 6.51
C GLY A 225 -23.12 17.46 7.62
N ASP A 226 -22.42 17.08 8.70
CA ASP A 226 -22.04 18.03 9.76
C ASP A 226 -20.65 18.67 9.55
N THR A 227 -20.08 18.53 8.35
CA THR A 227 -18.82 19.18 8.03
C THR A 227 -18.92 19.92 6.70
N PRO A 228 -18.64 21.23 6.70
CA PRO A 228 -18.63 21.96 5.44
C PRO A 228 -17.44 21.51 4.61
N ILE A 229 -17.77 21.17 3.37
CA ILE A 229 -16.84 20.64 2.42
C ILE A 229 -16.85 21.58 1.21
N ASP A 230 -15.71 22.17 0.92
CA ASP A 230 -15.58 23.11 -0.20
C ASP A 230 -15.56 22.35 -1.55
N THR A 231 -15.71 23.09 -2.63
CA THR A 231 -16.20 22.53 -3.90
C THR A 231 -15.28 21.51 -4.53
N PHE A 232 -13.99 21.79 -4.45
CA PHE A 232 -13.02 20.96 -5.12
C PHE A 232 -12.91 19.62 -4.35
N LEU A 233 -12.92 19.70 -3.03
CA LEU A 233 -12.89 18.49 -2.19
C LEU A 233 -14.16 17.68 -2.45
N MET A 234 -15.29 18.36 -2.55
CA MET A 234 -16.58 17.69 -2.86
C MET A 234 -16.49 16.97 -4.20
N GLU A 235 -16.01 17.68 -5.21
CA GLU A 235 -15.84 17.09 -6.54
C GLU A 235 -14.98 15.81 -6.52
N MET A 236 -13.88 15.84 -5.77
CA MET A 236 -13.01 14.66 -5.64
C MET A 236 -13.77 13.54 -4.93
N LEU A 237 -14.73 13.86 -4.07
CA LEU A 237 -15.57 12.88 -3.43
C LEU A 237 -16.75 12.34 -4.27
N GLU A 238 -17.08 12.98 -5.40
CA GLU A 238 -18.09 12.47 -6.34
C GLU A 238 -17.54 11.29 -7.13
N ALA A 239 -18.41 10.40 -7.63
CA ALA A 239 -18.00 9.08 -8.19
C ALA A 239 -17.35 9.07 -9.62
N HIS B 2 -16.41 16.09 -14.05
CA HIS B 2 -15.48 16.69 -13.03
C HIS B 2 -15.01 18.10 -13.43
N LYS B 3 -15.95 19.06 -13.40
CA LYS B 3 -15.73 20.42 -13.83
C LYS B 3 -14.36 21.02 -13.42
N ILE B 4 -14.16 21.16 -12.11
CA ILE B 4 -13.10 21.98 -11.56
C ILE B 4 -11.74 21.39 -11.90
N LEU B 5 -11.62 20.08 -11.86
CA LEU B 5 -10.35 19.43 -12.20
C LEU B 5 -10.04 19.64 -13.66
N HIS B 6 -11.02 19.43 -14.55
CA HIS B 6 -10.83 19.61 -16.01
C HIS B 6 -10.44 21.07 -16.33
N ARG B 7 -11.13 22.03 -15.72
CA ARG B 7 -10.80 23.44 -15.92
C ARG B 7 -9.40 23.82 -15.43
N LEU B 8 -8.97 23.32 -14.27
CA LEU B 8 -7.64 23.66 -13.80
C LEU B 8 -6.54 23.04 -14.66
N LEU B 9 -6.74 21.80 -15.08
CA LEU B 9 -5.81 21.11 -15.94
C LEU B 9 -5.69 21.73 -17.31
N GLN B 10 -6.81 22.19 -17.88
CA GLN B 10 -6.81 22.76 -19.24
C GLN B 10 -5.99 24.05 -19.39
N ASP B 11 -6.01 24.96 -18.40
CA ASP B 11 -5.22 26.22 -18.50
C ASP B 11 -4.04 26.25 -17.52
N GLU C 10 22.98 -14.42 4.49
CA GLU C 10 23.61 -14.85 5.78
C GLU C 10 22.57 -15.02 6.93
N ASP C 11 22.06 -13.91 7.45
CA ASP C 11 21.07 -13.89 8.53
C ASP C 11 19.63 -14.07 7.96
N MET C 12 19.40 -13.63 6.71
CA MET C 12 18.10 -13.77 6.04
C MET C 12 18.27 -14.39 4.64
N PRO C 13 18.60 -15.70 4.57
CA PRO C 13 18.90 -16.39 3.32
C PRO C 13 17.71 -16.64 2.42
N VAL C 14 17.73 -16.11 1.22
CA VAL C 14 16.60 -16.32 0.33
C VAL C 14 16.27 -17.77 0.02
N GLU C 15 17.28 -18.65 0.01
CA GLU C 15 17.01 -20.08 -0.19
C GLU C 15 16.08 -20.63 0.90
N ARG C 16 16.14 -20.10 2.12
CA ARG C 16 15.26 -20.53 3.23
C ARG C 16 13.84 -20.03 3.06
N ILE C 17 13.73 -18.82 2.55
CA ILE C 17 12.44 -18.23 2.20
C ILE C 17 11.81 -19.01 1.08
N LEU C 18 12.58 -19.32 0.03
CA LEU C 18 12.07 -20.24 -1.01
C LEU C 18 11.60 -21.54 -0.42
N GLU C 19 12.42 -22.12 0.47
CA GLU C 19 12.12 -23.43 1.10
C GLU C 19 10.81 -23.33 1.87
N ALA C 20 10.59 -22.23 2.57
CA ALA C 20 9.29 -21.99 3.23
C ALA C 20 8.10 -22.10 2.25
N GLU C 21 8.23 -21.44 1.09
CA GLU C 21 7.20 -21.46 0.08
C GLU C 21 7.00 -22.86 -0.43
N LEU C 22 8.08 -23.58 -0.71
CA LEU C 22 7.90 -24.91 -1.37
C LEU C 22 7.33 -25.92 -0.37
N ALA C 23 7.71 -25.76 0.90
CA ALA C 23 7.26 -26.62 2.00
C ALA C 23 5.76 -26.69 2.20
N VAL C 24 5.08 -25.56 1.99
CA VAL C 24 3.61 -25.50 2.17
C VAL C 24 2.80 -25.65 0.87
N GLU C 25 3.48 -25.88 -0.24
CA GLU C 25 2.86 -26.07 -1.56
C GLU C 25 1.80 -27.22 -1.49
N PRO C 26 0.52 -26.98 -1.90
CA PRO C 26 -0.55 -27.99 -1.69
C PRO C 26 -0.32 -29.33 -2.40
N ASN C 44 -21.15 -24.12 -6.93
CA ASN C 44 -22.00 -23.29 -6.05
C ASN C 44 -21.52 -21.80 -5.91
N ASP C 45 -21.23 -21.31 -4.68
CA ASP C 45 -20.95 -19.89 -4.40
C ASP C 45 -19.40 -19.64 -4.46
N PRO C 46 -18.93 -18.76 -5.35
CA PRO C 46 -17.48 -18.46 -5.39
C PRO C 46 -16.92 -17.88 -4.08
N VAL C 47 -17.72 -17.07 -3.41
CA VAL C 47 -17.32 -16.45 -2.16
C VAL C 47 -17.13 -17.52 -1.09
N THR C 48 -18.13 -18.36 -0.93
CA THR C 48 -18.05 -19.60 -0.10
C THR C 48 -16.80 -20.42 -0.34
N ASN C 49 -16.49 -20.71 -1.60
CA ASN C 49 -15.26 -21.46 -1.93
C ASN C 49 -14.01 -20.73 -1.48
N ILE C 50 -14.00 -19.43 -1.78
CA ILE C 50 -12.91 -18.55 -1.37
C ILE C 50 -12.74 -18.52 0.13
N CYS C 51 -13.82 -18.43 0.86
CA CYS C 51 -13.75 -18.39 2.32
C CYS C 51 -13.29 -19.74 2.89
N GLN C 52 -13.75 -20.81 2.25
CA GLN C 52 -13.38 -22.16 2.58
C GLN C 52 -11.88 -22.40 2.33
N ALA C 53 -11.39 -21.91 1.20
CA ALA C 53 -10.00 -22.07 0.81
C ALA C 53 -9.09 -21.23 1.73
N ALA C 54 -9.62 -20.10 2.19
CA ALA C 54 -8.85 -19.20 3.04
C ALA C 54 -8.71 -19.80 4.41
N ASP C 55 -9.80 -20.34 4.91
CA ASP C 55 -9.74 -21.01 6.22
C ASP C 55 -8.72 -22.17 6.23
N LYS C 56 -8.73 -23.01 5.20
CA LYS C 56 -7.77 -24.11 5.14
C LYS C 56 -6.37 -23.60 4.99
N GLN C 57 -6.19 -22.54 4.18
CA GLN C 57 -4.87 -21.98 3.95
C GLN C 57 -4.32 -21.23 5.11
N LEU C 58 -5.16 -20.74 6.03
CA LEU C 58 -4.65 -20.10 7.27
C LEU C 58 -3.80 -21.06 8.14
N PHE C 59 -4.14 -22.36 8.13
CA PHE C 59 -3.38 -23.38 8.86
C PHE C 59 -2.00 -23.48 8.24
N THR C 60 -1.94 -23.47 6.91
CA THR C 60 -0.67 -23.65 6.25
C THR C 60 0.16 -22.38 6.29
N LEU C 61 -0.50 -21.21 6.31
CA LEU C 61 0.20 -19.95 6.54
C LEU C 61 0.98 -19.95 7.83
N VAL C 62 0.38 -20.50 8.87
CA VAL C 62 1.08 -20.59 10.17
C VAL C 62 2.32 -21.43 10.03
N GLU C 63 2.15 -22.55 9.32
CA GLU C 63 3.29 -23.42 8.99
C GLU C 63 4.36 -22.70 8.17
N TRP C 64 3.93 -21.92 7.16
CA TRP C 64 4.83 -21.08 6.36
C TRP C 64 5.65 -20.10 7.22
N ALA C 65 4.95 -19.36 8.07
CA ALA C 65 5.60 -18.35 8.88
C ALA C 65 6.68 -18.94 9.77
N LYS C 66 6.45 -20.15 10.28
CA LYS C 66 7.42 -20.77 11.23
C LYS C 66 8.76 -21.06 10.53
N ARG C 67 8.70 -21.31 9.23
CA ARG C 67 9.84 -21.48 8.37
C ARG C 67 10.47 -20.21 7.85
N ILE C 68 9.93 -19.05 8.18
CA ILE C 68 10.63 -17.80 7.84
C ILE C 68 11.71 -17.54 8.90
N PRO C 69 12.97 -17.41 8.46
CA PRO C 69 14.04 -17.23 9.44
C PRO C 69 13.69 -16.17 10.46
N HIS C 70 13.93 -16.48 11.72
CA HIS C 70 13.73 -15.56 12.87
C HIS C 70 12.27 -15.30 13.30
N PHE C 71 11.29 -15.78 12.56
CA PHE C 71 9.92 -15.52 12.93
C PHE C 71 9.62 -16.19 14.27
N SER C 72 10.03 -17.46 14.41
CA SER C 72 9.72 -18.23 15.61
C SER C 72 10.49 -17.77 16.85
N GLU C 73 11.52 -16.98 16.63
CA GLU C 73 12.29 -16.36 17.71
C GLU C 73 11.65 -15.07 18.25
N LEU C 74 10.62 -14.54 17.57
CA LEU C 74 9.92 -13.37 18.13
C LEU C 74 9.02 -13.80 19.30
N PRO C 75 8.70 -12.89 20.24
CA PRO C 75 7.78 -13.24 21.31
C PRO C 75 6.47 -13.77 20.76
N LEU C 76 5.89 -14.78 21.39
CA LEU C 76 4.66 -15.39 20.85
C LEU C 76 3.57 -14.34 20.52
N ASP C 77 3.40 -13.30 21.35
CA ASP C 77 2.39 -12.27 21.10
C ASP C 77 2.65 -11.50 19.81
N ASP C 78 3.92 -11.17 19.54
CA ASP C 78 4.31 -10.54 18.28
C ASP C 78 4.09 -11.45 17.09
N GLN C 79 4.22 -12.75 17.26
CA GLN C 79 3.96 -13.68 16.17
C GLN C 79 2.48 -13.60 15.82
N VAL C 80 1.66 -13.60 16.87
CA VAL C 80 0.22 -13.49 16.76
C VAL C 80 -0.14 -12.19 16.06
N ILE C 81 0.42 -11.09 16.55
CA ILE C 81 0.13 -9.77 15.96
C ILE C 81 0.48 -9.69 14.45
N LEU C 82 1.65 -10.20 14.06
CA LEU C 82 2.13 -10.08 12.69
C LEU C 82 1.25 -10.87 11.74
N LEU C 83 0.86 -12.07 12.15
CA LEU C 83 -0.07 -12.88 11.35
C LEU C 83 -1.51 -12.37 11.30
N ARG C 84 -2.05 -11.88 12.43
CA ARG C 84 -3.36 -11.22 12.45
C ARG C 84 -3.36 -9.96 11.57
N ALA C 85 -2.24 -9.24 11.56
CA ALA C 85 -2.15 -8.05 10.71
C ALA C 85 -1.97 -8.39 9.21
N GLY C 86 -1.40 -9.56 8.89
CA GLY C 86 -0.96 -9.84 7.54
C GLY C 86 -1.68 -10.92 6.78
N TRP C 87 -2.46 -11.72 7.50
CA TRP C 87 -2.94 -12.97 6.93
C TRP C 87 -3.64 -12.75 5.60
N ASN C 88 -4.48 -11.71 5.52
CA ASN C 88 -5.27 -11.49 4.30
C ASN C 88 -4.38 -11.10 3.12
N GLU C 89 -3.44 -10.16 3.33
CA GLU C 89 -2.44 -9.83 2.27
C GLU C 89 -1.63 -11.08 1.85
N LEU C 90 -1.22 -11.89 2.83
CA LEU C 90 -0.35 -13.05 2.59
C LEU C 90 -1.09 -14.12 1.80
N LEU C 91 -2.37 -14.35 2.12
CA LEU C 91 -3.16 -15.28 1.35
C LEU C 91 -3.47 -14.76 -0.04
N ILE C 92 -3.65 -13.45 -0.18
CA ILE C 92 -3.97 -12.87 -1.47
C ILE C 92 -2.75 -13.04 -2.34
N ALA C 93 -1.57 -12.84 -1.74
CA ALA C 93 -0.29 -12.92 -2.48
C ALA C 93 -0.13 -14.31 -3.01
N SER C 94 -0.42 -15.32 -2.17
CA SER C 94 -0.32 -16.71 -2.60
C SER C 94 -1.32 -17.09 -3.65
N PHE C 95 -2.59 -16.82 -3.46
CA PHE C 95 -3.61 -17.16 -4.47
C PHE C 95 -3.28 -16.48 -5.79
N SER C 96 -2.85 -15.24 -5.76
CA SER C 96 -2.52 -14.52 -7.00
C SER C 96 -1.35 -15.17 -7.77
N HIS C 97 -0.26 -15.49 -7.08
CA HIS C 97 0.92 -16.10 -7.72
C HIS C 97 0.67 -17.55 -8.23
N ARG C 98 -0.04 -18.34 -7.44
CA ARG C 98 -0.63 -19.62 -7.86
C ARG C 98 -1.47 -19.53 -9.14
N SER C 99 -2.02 -18.35 -9.45
CA SER C 99 -2.92 -18.20 -10.58
C SER C 99 -2.29 -17.60 -11.86
N ILE C 100 -0.96 -17.44 -11.91
CA ILE C 100 -0.30 -16.80 -13.08
C ILE C 100 -0.45 -17.63 -14.34
N ALA C 101 -0.56 -18.94 -14.19
CA ALA C 101 -0.79 -19.86 -15.31
C ALA C 101 -2.23 -19.91 -15.81
N VAL C 102 -3.19 -19.23 -15.17
CA VAL C 102 -4.57 -19.20 -15.71
C VAL C 102 -5.04 -17.84 -16.23
N LYS C 103 -5.94 -17.89 -17.22
CA LYS C 103 -6.34 -16.74 -18.02
C LYS C 103 -7.07 -15.71 -17.18
N ASP C 104 -8.24 -16.03 -16.65
CA ASP C 104 -9.03 -15.01 -15.96
C ASP C 104 -9.73 -15.59 -14.75
N GLY C 105 -8.92 -16.11 -13.85
CA GLY C 105 -9.46 -16.72 -12.65
C GLY C 105 -8.43 -16.83 -11.58
N ILE C 106 -8.84 -17.34 -10.42
CA ILE C 106 -7.86 -17.67 -9.40
C ILE C 106 -7.90 -19.16 -9.11
N LEU C 107 -6.73 -19.75 -8.95
CA LEU C 107 -6.60 -21.12 -8.53
C LEU C 107 -6.45 -21.07 -7.03
N LEU C 108 -7.47 -21.53 -6.33
CA LEU C 108 -7.40 -21.61 -4.91
C LEU C 108 -6.59 -22.85 -4.56
N ALA C 109 -5.93 -22.77 -3.42
CA ALA C 109 -5.22 -23.91 -2.79
C ALA C 109 -5.85 -25.34 -2.95
N THR C 110 -7.17 -25.45 -2.81
CA THR C 110 -7.85 -26.75 -2.71
C THR C 110 -8.10 -27.51 -4.04
N GLY C 111 -7.55 -27.02 -5.18
CA GLY C 111 -7.79 -27.63 -6.51
C GLY C 111 -9.04 -27.11 -7.22
N LEU C 112 -9.55 -25.94 -6.79
CA LEU C 112 -10.70 -25.29 -7.43
C LEU C 112 -10.31 -23.94 -7.95
N HIS C 113 -10.99 -23.53 -9.00
CA HIS C 113 -10.69 -22.35 -9.73
C HIS C 113 -11.85 -21.42 -9.42
N VAL C 114 -11.68 -20.12 -9.56
CA VAL C 114 -12.85 -19.21 -9.60
C VAL C 114 -12.61 -18.36 -10.81
N HIS C 115 -13.52 -18.44 -11.77
CA HIS C 115 -13.38 -17.65 -13.01
C HIS C 115 -13.94 -16.24 -12.71
N ARG C 116 -13.45 -15.24 -13.44
CA ARG C 116 -13.96 -13.85 -13.40
C ARG C 116 -15.47 -13.75 -13.43
N ASN C 117 -16.06 -14.47 -14.36
CA ASN C 117 -17.52 -14.42 -14.61
C ASN C 117 -18.28 -14.83 -13.38
N SER C 118 -17.75 -15.84 -12.71
CA SER C 118 -18.40 -16.39 -11.57
C SER C 118 -18.30 -15.42 -10.40
N ALA C 119 -17.15 -14.79 -10.25
CA ALA C 119 -17.04 -13.71 -9.25
C ALA C 119 -17.99 -12.52 -9.56
N HIS C 120 -18.01 -12.09 -10.80
CA HIS C 120 -18.99 -11.07 -11.20
C HIS C 120 -20.43 -11.48 -10.90
N SER C 121 -20.77 -12.75 -11.13
CA SER C 121 -22.12 -13.23 -10.90
C SER C 121 -22.50 -13.26 -9.42
N ALA C 122 -21.50 -13.28 -8.53
CA ALA C 122 -21.73 -13.28 -7.10
C ALA C 122 -21.61 -11.92 -6.48
N GLY C 123 -21.36 -10.90 -7.29
CA GLY C 123 -21.40 -9.54 -6.80
C GLY C 123 -20.10 -8.99 -6.27
N VAL C 124 -19.01 -9.67 -6.58
CA VAL C 124 -17.68 -9.27 -6.15
C VAL C 124 -16.73 -9.17 -7.34
N GLY C 125 -17.30 -8.78 -8.49
CA GLY C 125 -16.53 -8.58 -9.70
C GLY C 125 -15.43 -7.53 -9.65
N ALA C 126 -15.71 -6.42 -8.98
CA ALA C 126 -14.75 -5.30 -8.94
C ALA C 126 -13.52 -5.69 -8.16
N ILE C 127 -13.70 -6.19 -6.95
CA ILE C 127 -12.54 -6.62 -6.16
C ILE C 127 -11.72 -7.72 -6.84
N PHE C 128 -12.44 -8.67 -7.43
CA PHE C 128 -11.81 -9.80 -8.09
C PHE C 128 -11.00 -9.36 -9.26
N ASP C 129 -11.58 -8.48 -10.08
CA ASP C 129 -10.83 -7.93 -11.21
C ASP C 129 -9.57 -7.20 -10.78
N ARG C 130 -9.65 -6.48 -9.65
CA ARG C 130 -8.46 -5.82 -9.10
C ARG C 130 -7.35 -6.85 -8.84
N VAL C 131 -7.69 -7.99 -8.23
CA VAL C 131 -6.74 -9.09 -8.00
C VAL C 131 -6.10 -9.57 -9.32
N LEU C 132 -6.91 -9.67 -10.35
CA LEU C 132 -6.44 -10.12 -11.67
C LEU C 132 -5.54 -9.10 -12.33
N THR C 133 -5.96 -7.83 -12.28
CA THR C 133 -5.30 -6.79 -13.02
C THR C 133 -4.08 -6.25 -12.26
N GLU C 134 -4.14 -6.08 -10.94
CA GLU C 134 -3.04 -5.46 -10.20
C GLU C 134 -2.04 -6.45 -9.63
N LEU C 135 -2.44 -7.71 -9.50
CA LEU C 135 -1.59 -8.72 -8.93
C LEU C 135 -1.31 -9.81 -9.97
N VAL C 136 -2.27 -10.66 -10.26
CA VAL C 136 -1.99 -11.86 -11.11
C VAL C 136 -1.33 -11.51 -12.44
N SER C 137 -1.89 -10.53 -13.16
CA SER C 137 -1.37 -10.11 -14.47
C SER C 137 0.00 -9.56 -14.37
N LYS C 138 0.26 -8.78 -13.33
CA LYS C 138 1.56 -8.10 -13.21
C LYS C 138 2.62 -9.14 -12.78
N MET C 139 2.20 -10.09 -11.94
CA MET C 139 3.07 -11.17 -11.54
C MET C 139 3.51 -12.01 -12.76
N ARG C 140 2.55 -12.30 -13.64
CA ARG C 140 2.78 -13.01 -14.90
C ARG C 140 3.68 -12.24 -15.88
N ASP C 141 3.39 -10.96 -16.12
CA ASP C 141 4.14 -10.15 -17.07
C ASP C 141 5.64 -10.07 -16.75
N MET C 142 5.97 -9.92 -15.46
CA MET C 142 7.34 -9.93 -15.00
C MET C 142 7.85 -11.31 -14.62
N GLN C 143 7.03 -12.34 -14.77
CA GLN C 143 7.40 -13.69 -14.33
C GLN C 143 8.02 -13.64 -12.93
N MET C 144 7.27 -13.15 -11.97
CA MET C 144 7.76 -13.10 -10.63
C MET C 144 7.95 -14.57 -10.26
N ASP C 145 9.10 -14.89 -9.65
CA ASP C 145 9.39 -16.29 -9.25
C ASP C 145 9.05 -16.57 -7.79
N LYS C 146 9.30 -17.79 -7.34
CA LYS C 146 8.82 -18.21 -6.03
C LYS C 146 9.63 -17.59 -4.91
N THR C 147 10.90 -17.39 -5.17
CA THR C 147 11.77 -16.65 -4.26
C THR C 147 11.32 -15.21 -4.04
N GLU C 148 10.97 -14.52 -5.12
CA GLU C 148 10.58 -13.13 -5.02
C GLU C 148 9.24 -13.03 -4.26
N LEU C 149 8.35 -14.00 -4.54
CA LEU C 149 7.04 -14.05 -3.88
C LEU C 149 7.21 -14.26 -2.39
N GLY C 150 8.10 -15.18 -2.05
CA GLY C 150 8.35 -15.54 -0.67
C GLY C 150 8.87 -14.32 0.04
N CYS C 151 9.85 -13.69 -0.57
CA CYS C 151 10.48 -12.47 0.03
C CYS C 151 9.48 -11.32 0.26
N LEU C 152 8.64 -11.05 -0.74
CA LEU C 152 7.54 -10.09 -0.68
C LEU C 152 6.58 -10.45 0.47
N ARG C 153 6.28 -11.73 0.56
CA ARG C 153 5.48 -12.22 1.63
C ARG C 153 6.13 -12.05 2.99
N ALA C 154 7.40 -12.34 3.11
CA ALA C 154 8.10 -12.14 4.37
C ALA C 154 8.14 -10.65 4.74
N ILE C 155 8.27 -9.78 3.73
CA ILE C 155 8.21 -8.33 3.95
C ILE C 155 6.85 -7.98 4.52
N VAL C 156 5.81 -8.54 3.94
CA VAL C 156 4.46 -8.27 4.44
C VAL C 156 4.27 -8.79 5.86
N LEU C 157 4.73 -10.01 6.12
CA LEU C 157 4.71 -10.60 7.44
C LEU C 157 5.46 -9.75 8.47
N PHE C 158 6.67 -9.31 8.15
CA PHE C 158 7.44 -8.47 9.08
C PHE C 158 7.03 -7.01 8.96
N ASN C 159 5.81 -6.73 9.43
CA ASN C 159 5.25 -5.41 9.32
C ASN C 159 5.48 -4.70 10.63
N PRO C 160 6.39 -3.74 10.64
CA PRO C 160 6.62 -3.06 11.90
C PRO C 160 5.56 -2.02 12.29
N ASP C 161 4.59 -1.75 11.41
CA ASP C 161 3.47 -0.86 11.75
C ASP C 161 2.33 -1.56 12.53
N SER C 162 2.38 -2.88 12.67
CA SER C 162 1.31 -3.61 13.31
C SER C 162 1.12 -3.10 14.76
N LYS C 163 -0.14 -2.83 15.14
CA LYS C 163 -0.43 -2.28 16.45
C LYS C 163 -0.03 -3.30 17.47
N GLY C 164 0.66 -2.81 18.50
CA GLY C 164 0.92 -3.54 19.72
C GLY C 164 2.21 -4.32 19.80
N LEU C 165 3.00 -4.32 18.73
CA LEU C 165 4.24 -5.08 18.76
C LEU C 165 5.08 -4.76 19.99
N SER C 166 5.67 -5.77 20.62
CA SER C 166 6.53 -5.55 21.77
C SER C 166 7.77 -4.78 21.30
N ASN C 167 8.31 -5.14 20.14
CA ASN C 167 9.54 -4.52 19.63
C ASN C 167 9.48 -4.17 18.14
N PRO C 168 8.84 -3.05 17.79
CA PRO C 168 8.70 -2.68 16.37
C PRO C 168 10.02 -2.64 15.55
N ALA C 169 11.04 -2.01 16.12
CA ALA C 169 12.38 -1.94 15.53
C ALA C 169 13.02 -3.30 15.13
N GLU C 170 12.88 -4.32 15.96
CA GLU C 170 13.35 -5.67 15.61
C GLU C 170 12.60 -6.18 14.33
N VAL C 171 11.29 -5.92 14.27
CA VAL C 171 10.48 -6.30 13.11
C VAL C 171 10.94 -5.52 11.91
N GLU C 172 11.20 -4.22 12.04
CA GLU C 172 11.70 -3.41 10.91
C GLU C 172 13.07 -3.93 10.43
N ALA C 173 13.92 -4.35 11.36
CA ALA C 173 15.24 -4.92 11.05
C ALA C 173 15.12 -6.19 10.23
N LEU C 174 14.18 -7.05 10.62
CA LEU C 174 13.97 -8.30 9.94
C LEU C 174 13.43 -7.99 8.54
N ARG C 175 12.50 -7.05 8.45
CA ARG C 175 12.08 -6.56 7.15
C ARG C 175 13.27 -6.08 6.30
N GLU C 176 14.17 -5.31 6.91
CA GLU C 176 15.33 -4.80 6.15
C GLU C 176 16.18 -5.91 5.65
N LYS C 177 16.43 -6.90 6.49
CA LYS C 177 17.25 -8.03 6.09
C LYS C 177 16.59 -8.75 4.92
N VAL C 178 15.26 -8.87 4.94
CA VAL C 178 14.57 -9.56 3.83
C VAL C 178 14.73 -8.83 2.54
N TYR C 179 14.61 -7.50 2.57
CA TYR C 179 14.64 -6.82 1.28
C TYR C 179 16.06 -6.66 0.77
N ALA C 180 17.06 -6.59 1.67
CA ALA C 180 18.47 -6.62 1.24
C ALA C 180 18.72 -7.90 0.46
N SER C 181 18.25 -9.02 0.98
CA SER C 181 18.45 -10.33 0.36
C SER C 181 17.73 -10.44 -0.97
N LEU C 182 16.45 -10.06 -1.00
CA LEU C 182 15.69 -9.99 -2.25
C LEU C 182 16.39 -9.16 -3.32
N GLU C 183 16.87 -7.98 -2.94
CA GLU C 183 17.59 -7.10 -3.88
C GLU C 183 18.83 -7.79 -4.47
N ALA C 184 19.77 -8.20 -3.60
CA ALA C 184 20.95 -8.97 -4.04
C ALA C 184 20.52 -10.11 -4.94
N TYR C 185 19.51 -10.89 -4.53
CA TYR C 185 19.02 -11.98 -5.34
C TYR C 185 18.61 -11.52 -6.75
N CYS C 186 17.87 -10.41 -6.83
CA CYS C 186 17.39 -9.89 -8.13
C CYS C 186 18.54 -9.40 -9.01
N LYS C 187 19.53 -8.74 -8.40
CA LYS C 187 20.74 -8.30 -9.11
C LYS C 187 21.54 -9.46 -9.65
N HIS C 188 21.70 -10.52 -8.85
CA HIS C 188 22.38 -11.73 -9.31
C HIS C 188 21.59 -12.48 -10.37
N LYS C 189 20.35 -12.86 -10.08
CA LYS C 189 19.55 -13.62 -11.02
C LYS C 189 19.03 -12.81 -12.19
N TYR C 190 18.73 -11.52 -12.00
CA TYR C 190 18.20 -10.71 -13.15
C TYR C 190 19.07 -9.47 -13.39
N PRO C 191 20.37 -9.65 -13.68
CA PRO C 191 21.27 -8.49 -13.85
C PRO C 191 20.82 -7.60 -15.00
N GLU C 192 20.23 -8.23 -16.01
CA GLU C 192 19.45 -7.60 -17.09
C GLU C 192 18.48 -6.49 -16.65
N GLN C 193 17.88 -6.58 -15.45
CA GLN C 193 16.73 -5.71 -15.07
C GLN C 193 16.98 -4.90 -13.81
N PRO C 194 17.61 -3.73 -13.95
CA PRO C 194 18.00 -3.02 -12.72
C PRO C 194 16.81 -2.49 -11.86
N GLY C 195 15.64 -2.31 -12.44
CA GLY C 195 14.49 -1.88 -11.70
C GLY C 195 13.57 -2.95 -11.16
N ARG C 196 13.95 -4.22 -11.33
CA ARG C 196 13.08 -5.33 -10.89
C ARG C 196 12.79 -5.33 -9.39
N PHE C 197 13.81 -5.14 -8.57
CA PHE C 197 13.64 -5.02 -7.14
C PHE C 197 12.52 -4.00 -6.78
N ALA C 198 12.58 -2.82 -7.36
CA ALA C 198 11.60 -1.76 -7.06
C ALA C 198 10.23 -2.11 -7.58
N LYS C 199 10.21 -2.70 -8.76
CA LYS C 199 8.98 -3.15 -9.36
C LYS C 199 8.24 -4.19 -8.48
N LEU C 200 9.02 -5.09 -7.87
CA LEU C 200 8.50 -6.04 -6.92
C LEU C 200 7.85 -5.30 -5.73
N LEU C 201 8.63 -4.45 -5.06
CA LEU C 201 8.16 -3.74 -3.91
C LEU C 201 6.98 -2.85 -4.28
N LEU C 202 6.88 -2.40 -5.52
CA LEU C 202 5.80 -1.51 -5.89
C LEU C 202 4.51 -2.21 -6.21
N ARG C 203 4.46 -3.53 -6.03
CA ARG C 203 3.16 -4.23 -5.94
C ARG C 203 2.61 -4.24 -4.53
N LEU C 204 3.41 -3.89 -3.55
CA LEU C 204 2.94 -3.92 -2.16
C LEU C 204 1.80 -2.98 -1.82
N PRO C 205 1.75 -1.78 -2.40
CA PRO C 205 0.61 -0.91 -2.16
C PRO C 205 -0.71 -1.44 -2.66
N ALA C 206 -0.71 -2.01 -3.86
CA ALA C 206 -1.91 -2.60 -4.43
C ALA C 206 -2.39 -3.78 -3.56
N LEU C 207 -1.44 -4.59 -3.14
CA LEU C 207 -1.68 -5.67 -2.25
C LEU C 207 -2.30 -5.14 -0.93
N ARG C 208 -1.71 -4.08 -0.37
CA ARG C 208 -2.28 -3.49 0.83
C ARG C 208 -3.74 -3.11 0.57
N SER C 209 -3.96 -2.41 -0.54
CA SER C 209 -5.26 -1.90 -0.87
C SER C 209 -6.29 -2.99 -1.11
N ILE C 210 -5.95 -3.94 -1.98
CA ILE C 210 -6.77 -5.08 -2.26
C ILE C 210 -7.05 -5.88 -0.98
N GLY C 211 -6.02 -6.14 -0.19
CA GLY C 211 -6.20 -6.72 1.15
C GLY C 211 -7.31 -6.03 1.96
N LEU C 212 -7.23 -4.72 2.09
CA LEU C 212 -8.19 -4.02 2.95
C LEU C 212 -9.59 -4.17 2.42
N LYS C 213 -9.71 -4.08 1.10
CA LYS C 213 -10.99 -4.27 0.45
C LYS C 213 -11.55 -5.68 0.60
N CYS C 214 -10.71 -6.68 0.47
CA CYS C 214 -11.19 -8.04 0.58
C CYS C 214 -11.68 -8.27 2.02
N LEU C 215 -10.99 -7.63 2.96
CA LEU C 215 -11.30 -7.76 4.35
C LEU C 215 -12.62 -7.15 4.66
N GLU C 216 -12.89 -5.93 4.14
CA GLU C 216 -14.17 -5.24 4.39
C GLU C 216 -15.32 -6.04 3.82
N HIS C 217 -15.14 -6.58 2.61
CA HIS C 217 -16.08 -7.56 2.02
C HIS C 217 -16.40 -8.69 2.98
N LEU C 218 -15.34 -9.36 3.44
CA LEU C 218 -15.45 -10.42 4.43
C LEU C 218 -16.23 -10.06 5.67
N PHE C 219 -15.93 -8.91 6.27
CA PHE C 219 -16.69 -8.45 7.44
C PHE C 219 -18.16 -8.33 7.10
N PHE C 220 -18.45 -7.72 5.96
CA PHE C 220 -19.81 -7.62 5.47
C PHE C 220 -20.45 -9.01 5.30
N PHE C 221 -19.74 -9.98 4.73
CA PHE C 221 -20.33 -11.29 4.54
C PHE C 221 -20.76 -11.89 5.90
N LYS C 222 -19.86 -11.76 6.88
CA LYS C 222 -20.10 -12.20 8.27
C LYS C 222 -21.24 -11.44 8.94
N LEU C 223 -21.21 -10.12 8.84
CA LEU C 223 -22.28 -9.30 9.37
C LEU C 223 -23.61 -9.75 8.81
N ILE C 224 -23.73 -9.84 7.47
CA ILE C 224 -24.98 -10.27 6.81
C ILE C 224 -25.39 -11.72 7.10
N GLY C 225 -24.43 -12.59 7.41
CA GLY C 225 -24.71 -14.02 7.56
C GLY C 225 -25.05 -14.72 6.23
N ASP C 226 -24.63 -14.12 5.10
CA ASP C 226 -24.89 -14.68 3.76
C ASP C 226 -23.93 -15.84 3.36
N THR C 227 -22.90 -16.11 4.18
CA THR C 227 -21.80 -17.00 3.79
C THR C 227 -21.25 -17.77 4.98
N PRO C 228 -21.21 -19.12 4.92
CA PRO C 228 -20.52 -19.83 5.98
C PRO C 228 -19.06 -19.40 6.09
N ILE C 229 -18.63 -19.17 7.31
CA ILE C 229 -17.26 -18.82 7.62
C ILE C 229 -16.73 -19.81 8.67
N ASP C 230 -15.72 -20.55 8.29
CA ASP C 230 -15.11 -21.52 9.20
C ASP C 230 -14.36 -20.84 10.37
N THR C 231 -13.94 -21.65 11.33
CA THR C 231 -13.46 -21.19 12.66
C THR C 231 -12.21 -20.33 12.69
N PHE C 232 -11.22 -20.67 11.88
CA PHE C 232 -9.93 -19.96 11.93
C PHE C 232 -10.10 -18.63 11.16
N LEU C 233 -10.80 -18.69 10.04
CA LEU C 233 -11.17 -17.45 9.37
C LEU C 233 -12.03 -16.59 10.32
N MET C 234 -13.04 -17.17 10.93
CA MET C 234 -13.86 -16.45 11.92
C MET C 234 -12.99 -15.83 12.99
N GLU C 235 -12.05 -16.58 13.50
CA GLU C 235 -11.19 -16.07 14.57
C GLU C 235 -10.41 -14.86 14.11
N MET C 236 -9.92 -14.90 12.87
CA MET C 236 -9.17 -13.80 12.30
C MET C 236 -10.01 -12.52 12.18
N LEU C 237 -11.30 -12.67 11.95
CA LEU C 237 -12.23 -11.54 11.96
C LEU C 237 -12.75 -11.10 13.36
N GLU C 238 -12.19 -11.59 14.47
CA GLU C 238 -12.67 -11.22 15.83
C GLU C 238 -11.82 -10.04 16.29
N ALA C 239 -12.37 -9.19 17.16
CA ALA C 239 -11.66 -8.00 17.75
C ALA C 239 -10.12 -8.05 17.85
N HIS D 2 -7.18 -15.30 21.16
CA HIS D 2 -7.17 -15.94 19.79
C HIS D 2 -6.69 -17.41 19.89
N LYS D 3 -7.60 -18.27 20.31
CA LYS D 3 -7.34 -19.69 20.57
C LYS D 3 -6.51 -20.47 19.53
N ILE D 4 -7.01 -20.53 18.31
CA ILE D 4 -6.43 -21.40 17.28
C ILE D 4 -5.03 -20.97 16.84
N LEU D 5 -4.85 -19.68 16.58
CA LEU D 5 -3.56 -19.15 16.19
C LEU D 5 -2.45 -19.48 17.22
N HIS D 6 -2.74 -19.27 18.51
CA HIS D 6 -1.82 -19.57 19.60
C HIS D 6 -1.45 -21.02 19.62
N ARG D 7 -2.45 -21.87 19.49
CA ARG D 7 -2.22 -23.32 19.51
C ARG D 7 -1.36 -23.79 18.39
N LEU D 8 -1.61 -23.26 17.21
CA LEU D 8 -0.92 -23.73 16.02
C LEU D 8 0.51 -23.22 16.03
N LEU D 9 0.71 -22.04 16.62
CA LEU D 9 2.06 -21.49 16.82
C LEU D 9 2.92 -22.26 17.81
N GLN D 10 2.33 -23.00 18.74
CA GLN D 10 3.15 -23.77 19.70
C GLN D 10 3.77 -24.99 19.08
N ASP D 11 3.00 -25.90 18.48
CA ASP D 11 3.58 -26.97 17.59
C ASP D 11 2.71 -27.43 16.39
C10 UGW E . -6.65 13.66 7.76
C10 UGW E . -6.06 14.22 5.78
C13 UGW E . -8.15 12.79 3.08
C13 UGW E . -10.03 13.89 8.73
C15 UGW E . -8.45 15.26 3.48
C15 UGW E . -9.53 11.53 8.31
C01 UGW E . -4.29 16.07 7.65
C01 UGW E . -3.38 13.15 7.31
C02 UGW E . -4.34 14.55 7.49
C02 UGW E . -4.29 14.35 7.54
C03 UGW E . -4.23 13.89 8.86
C03 UGW E . -3.80 15.54 6.71
C04 UGW E . -3.19 14.08 6.59
C04 UGW E . -4.28 14.73 9.03
C05 UGW E . -5.68 14.15 6.91
C05 UGW E . -5.71 14.04 7.11
C06 UGW E . -5.92 14.29 5.54
C06 UGW E . -6.62 13.60 8.04
C07 UGW E . -7.15 13.94 5.06
C07 UGW E . -7.90 13.33 7.66
C08 UGW E . -8.12 13.47 5.93
C08 UGW E . -8.27 13.52 6.35
C09 UGW E . -7.88 13.32 7.28
C09 UGW E . -7.35 13.96 5.40
O11 UGW E . -9.37 13.11 5.43
O11 UGW E . -9.57 13.26 5.98
C12 UGW E . -7.50 14.08 3.57
C12 UGW E . -8.92 12.87 8.70
C14 UGW E . -6.30 14.33 2.68
C14 UGW E . -8.18 12.78 10.03
C10 UGW F . -10.92 -12.84 -2.52
C10 UGW F . -9.50 -13.24 -1.09
C13 UGW F . -9.33 -12.08 2.24
C13 UGW F . -14.42 -12.72 -1.35
C15 UGW F . -10.33 -14.37 2.14
C15 UGW F . -13.56 -10.38 -1.50
C01 UGW F . -9.00 -15.36 -3.71
C01 UGW F . -7.93 -12.46 -3.76
C02 UGW F . -8.89 -13.83 -3.58
C02 UGW F . -9.00 -13.52 -3.58
C03 UGW F . -9.55 -13.17 -4.78
C03 UGW F . -8.28 -14.80 -3.27
C04 UGW F . -7.41 -13.43 -3.50
C04 UGW F . -9.79 -13.68 -4.89
C05 UGW F . -9.66 -13.40 -2.33
C05 UGW F . -9.92 -13.13 -2.42
C06 UGW F . -9.15 -13.60 -1.04
C06 UGW F . -11.19 -12.67 -2.72
C07 UGW F . -9.90 -13.19 0.03
C07 UGW F . -12.04 -12.31 -1.71
C08 UGW F . -11.15 -12.63 -0.18
C08 UGW F . -11.64 -12.41 -0.41
C09 UGW F . -11.66 -12.44 -1.44
C09 UGW F . -10.38 -12.87 -0.08
O11 UGW F . -11.93 -12.25 0.92
O11 UGW F . -12.56 -12.04 0.58
C12 UGW F . -9.39 -13.39 1.46
C12 UGW F . -13.43 -11.81 -2.04
C14 UGW F . -7.97 -13.93 1.45
C14 UGW F . -13.63 -11.78 -3.55
C FMT G . 0.44 -20.10 2.31
O1 FMT G . 0.90 -20.63 1.32
O2 FMT G . 1.31 -19.81 3.23
#